data_4ZVP
#
_entry.id   4ZVP
#
_cell.length_a   86.790
_cell.length_b   86.790
_cell.length_c   187.571
_cell.angle_alpha   90.000
_cell.angle_beta   90.000
_cell.angle_gamma   120.000
#
_symmetry.space_group_name_H-M   'P 32 2 1'
#
loop_
_entity.id
_entity.type
_entity.pdbx_description
1 polymer Caspase-7
2 polymer Caspase-7
3 polymer 'Peptide ACE-ASP-GLU-VAL-ASA'
4 water water
#
loop_
_entity_poly.entity_id
_entity_poly.type
_entity_poly.pdbx_seq_one_letter_code
_entity_poly.pdbx_strand_id
1 'polypeptide(L)'
;MADDQGCIEEQGVEDSANEDSVDAKPDRSSFVPSLFSKKKKNVTMRSIKTTRDRVPTYQYNMNFEKLGKCIIINNKNFDK
VTGMGVRNGTDKDAEALFKCFRSLGFDVIVYNDCSCAKMQDLLKKASEEDHTNAACFACILLSHGEENVIYGKDGVTPIK
DLTAHFRGDRCKTLLEKPKLFFIQACRGTELDDGIQAD
;
A,C
2 'polypeptide(L)'
;SGPINDTDANPRYKIPVEADFLFAYSTVPGYVSMRSPGRGSWFVQALCSILEEHGKDLEIMQILTRVNDRVARHFESCSD
DPHFHEKKQIPCVVSMLTKELYFSQLEHHHHHH
;
B,D
3 'polypeptide(L)' (ACE)DEV(ASA) E,F
#
loop_
_chem_comp.id
_chem_comp.type
_chem_comp.name
_chem_comp.formula
ACE non-polymer 'ACETYL GROUP' 'C2 H4 O'
#
# COMPACT_ATOMS: atom_id res chain seq x y z
N TYR A 58 11.96 15.67 -8.22
CA TYR A 58 10.85 14.72 -8.17
C TYR A 58 11.30 13.27 -8.25
N GLN A 59 12.61 13.05 -8.42
CA GLN A 59 13.13 11.69 -8.45
C GLN A 59 14.17 11.53 -7.37
N TYR A 60 14.22 10.33 -6.78
CA TYR A 60 15.28 10.00 -5.85
C TYR A 60 16.64 10.16 -6.55
N ASN A 61 17.58 10.81 -5.87
CA ASN A 61 18.93 10.93 -6.39
C ASN A 61 19.60 9.56 -6.42
N MET A 62 19.96 9.08 -7.60
CA MET A 62 20.59 7.78 -7.72
C MET A 62 22.07 7.89 -8.05
N ASN A 63 22.63 9.08 -7.91
CA ASN A 63 24.00 9.28 -8.32
C ASN A 63 24.97 9.01 -7.16
N PHE A 64 25.16 7.72 -6.91
CA PHE A 64 25.98 7.20 -5.82
C PHE A 64 26.93 6.15 -6.40
N GLU A 65 28.00 5.85 -5.68
CA GLU A 65 28.93 4.81 -6.10
C GLU A 65 28.26 3.46 -6.29
N LYS A 66 27.22 3.19 -5.49
CA LYS A 66 26.55 1.90 -5.47
C LYS A 66 25.04 2.04 -5.48
N LEU A 67 24.38 1.07 -6.09
CA LEU A 67 22.92 1.00 -6.04
C LEU A 67 22.53 0.67 -4.61
N GLY A 68 23.16 -0.36 -4.07
CA GLY A 68 23.00 -0.69 -2.67
C GLY A 68 22.96 -2.18 -2.37
N LYS A 69 22.73 -2.48 -1.11
CA LYS A 69 22.71 -3.85 -0.63
C LYS A 69 21.33 -4.48 -0.87
N CYS A 70 21.34 -5.74 -1.29
CA CYS A 70 20.10 -6.52 -1.41
C CYS A 70 20.20 -7.85 -0.67
N ILE A 71 19.38 -8.00 0.36
CA ILE A 71 19.30 -9.25 1.10
C ILE A 71 18.15 -10.14 0.63
N ILE A 72 18.45 -11.37 0.26
CA ILE A 72 17.39 -12.33 0.00
C ILE A 72 17.38 -13.40 1.08
N ILE A 73 16.22 -13.59 1.69
CA ILE A 73 16.03 -14.63 2.69
C ILE A 73 15.13 -15.70 2.08
N ASN A 74 15.72 -16.85 1.82
CA ASN A 74 15.06 -17.92 1.10
C ASN A 74 14.80 -19.08 2.04
N ASN A 75 13.59 -19.14 2.58
CA ASN A 75 13.22 -20.17 3.57
C ASN A 75 12.45 -21.31 2.93
N LYS A 76 13.13 -22.45 2.77
CA LYS A 76 12.55 -23.62 2.13
C LYS A 76 12.10 -24.70 3.13
N ASN A 77 12.93 -24.96 4.12
CA ASN A 77 12.73 -26.08 5.03
C ASN A 77 12.44 -25.60 6.43
N PHE A 78 11.46 -26.22 7.09
CA PHE A 78 11.00 -25.73 8.37
C PHE A 78 11.01 -26.84 9.42
N ASP A 79 11.39 -26.48 10.64
CA ASP A 79 11.32 -27.39 11.78
C ASP A 79 9.94 -28.03 11.91
N LYS A 80 9.95 -29.35 12.14
CA LYS A 80 8.73 -30.14 12.31
C LYS A 80 7.76 -29.55 13.34
N VAL A 81 8.29 -28.87 14.35
CA VAL A 81 7.44 -28.27 15.37
C VAL A 81 6.55 -27.13 14.86
N THR A 82 6.95 -26.51 13.75
CA THR A 82 6.18 -25.37 13.24
C THR A 82 4.97 -25.84 12.44
N GLY A 83 4.98 -27.10 12.02
CA GLY A 83 3.88 -27.63 11.23
C GLY A 83 3.96 -27.33 9.75
N MET A 84 4.86 -26.44 9.33
CA MET A 84 4.86 -25.96 7.96
C MET A 84 5.57 -26.93 7.00
N GLY A 85 5.09 -27.04 5.77
CA GLY A 85 5.71 -27.92 4.80
C GLY A 85 6.82 -27.29 3.98
N VAL A 86 7.50 -28.11 3.18
CA VAL A 86 8.58 -27.65 2.32
C VAL A 86 8.05 -26.70 1.26
N ARG A 87 8.78 -25.63 0.98
CA ARG A 87 8.35 -24.66 -0.02
C ARG A 87 9.05 -24.90 -1.35
N ASN A 88 8.77 -26.05 -1.94
CA ASN A 88 9.31 -26.40 -3.25
C ASN A 88 9.02 -25.30 -4.24
N GLY A 89 9.99 -24.99 -5.10
CA GLY A 89 9.86 -23.92 -6.07
C GLY A 89 10.56 -22.65 -5.64
N THR A 90 10.86 -22.53 -4.35
CA THR A 90 11.42 -21.30 -3.82
C THR A 90 12.87 -21.07 -4.28
N ASP A 91 13.61 -22.14 -4.55
CA ASP A 91 15.00 -22.00 -4.98
C ASP A 91 15.07 -21.35 -6.35
N LYS A 92 14.19 -21.80 -7.23
CA LYS A 92 14.00 -21.17 -8.53
C LYS A 92 13.64 -19.67 -8.40
N ASP A 93 12.79 -19.31 -7.44
CA ASP A 93 12.53 -17.91 -7.16
C ASP A 93 13.80 -17.15 -6.77
N ALA A 94 14.52 -17.69 -5.78
CA ALA A 94 15.69 -17.01 -5.26
C ALA A 94 16.77 -16.83 -6.33
N GLU A 95 16.97 -17.86 -7.15
CA GLU A 95 17.97 -17.74 -8.21
C GLU A 95 17.56 -16.69 -9.23
N ALA A 96 16.28 -16.68 -9.59
CA ALA A 96 15.80 -15.73 -10.58
C ALA A 96 15.88 -14.30 -10.03
N LEU A 97 15.58 -14.15 -8.74
CA LEU A 97 15.67 -12.85 -8.09
C LEU A 97 17.11 -12.37 -8.00
N PHE A 98 18.01 -13.31 -7.70
CA PHE A 98 19.42 -12.99 -7.53
C PHE A 98 19.91 -12.38 -8.85
N LYS A 99 19.60 -13.02 -9.97
CA LYS A 99 20.00 -12.51 -11.28
C LYS A 99 19.40 -11.14 -11.61
N CYS A 100 18.10 -10.95 -11.38
CA CYS A 100 17.46 -9.67 -11.70
C CYS A 100 18.04 -8.53 -10.89
N PHE A 101 18.14 -8.74 -9.58
CA PHE A 101 18.58 -7.67 -8.72
C PHE A 101 20.08 -7.43 -8.86
N ARG A 102 20.82 -8.48 -9.22
CA ARG A 102 22.23 -8.31 -9.49
C ARG A 102 22.41 -7.46 -10.75
N SER A 103 21.59 -7.74 -11.75
CA SER A 103 21.62 -7.00 -13.01
C SER A 103 21.23 -5.54 -12.82
N LEU A 104 20.35 -5.27 -11.88
CA LEU A 104 19.99 -3.89 -11.58
C LEU A 104 21.18 -3.17 -10.94
N GLY A 105 22.10 -3.93 -10.34
CA GLY A 105 23.23 -3.34 -9.66
C GLY A 105 23.30 -3.59 -8.17
N PHE A 106 22.33 -4.35 -7.63
CA PHE A 106 22.35 -4.63 -6.20
C PHE A 106 23.45 -5.63 -5.85
N ASP A 107 24.06 -5.41 -4.70
CA ASP A 107 24.95 -6.40 -4.13
C ASP A 107 24.13 -7.44 -3.38
N VAL A 108 23.85 -8.55 -4.05
CA VAL A 108 22.92 -9.52 -3.52
C VAL A 108 23.63 -10.64 -2.77
N ILE A 109 23.10 -10.98 -1.59
CA ILE A 109 23.51 -12.15 -0.84
C ILE A 109 22.27 -12.96 -0.44
N VAL A 110 22.33 -14.28 -0.63
CA VAL A 110 21.19 -15.14 -0.31
C VAL A 110 21.46 -15.97 0.94
N TYR A 111 20.54 -15.88 1.91
CA TYR A 111 20.64 -16.65 3.13
C TYR A 111 19.52 -17.68 3.10
N ASN A 112 19.81 -18.92 3.47
CA ASN A 112 18.84 -20.00 3.31
C ASN A 112 18.41 -20.60 4.62
N ASP A 113 17.12 -20.89 4.74
CA ASP A 113 16.56 -21.57 5.90
C ASP A 113 16.95 -20.88 7.20
N CYS A 114 16.59 -19.61 7.32
CA CYS A 114 16.97 -18.80 8.46
C CYS A 114 16.00 -18.93 9.63
N SER A 115 16.55 -19.04 10.83
CA SER A 115 15.75 -18.98 12.03
C SER A 115 15.27 -17.55 12.20
N CYS A 116 14.26 -17.35 13.03
CA CYS A 116 13.76 -16.02 13.32
C CYS A 116 14.87 -15.10 13.84
N ALA A 117 15.71 -15.62 14.74
CA ALA A 117 16.79 -14.83 15.31
C ALA A 117 17.78 -14.41 14.24
N LYS A 118 18.11 -15.34 13.36
CA LYS A 118 19.02 -15.08 12.25
C LYS A 118 18.48 -13.94 11.36
N MET A 119 17.20 -14.02 10.99
CA MET A 119 16.55 -12.98 10.20
C MET A 119 16.61 -11.62 10.90
N GLN A 120 16.32 -11.61 12.18
CA GLN A 120 16.38 -10.37 12.96
C GLN A 120 17.78 -9.80 12.96
N ASP A 121 18.76 -10.67 13.14
CA ASP A 121 20.14 -10.24 13.26
C ASP A 121 20.64 -9.73 11.92
N LEU A 122 20.29 -10.48 10.88
CA LEU A 122 20.66 -10.16 9.52
C LEU A 122 20.26 -8.73 9.13
N LEU A 123 19.02 -8.36 9.45
CA LEU A 123 18.51 -7.04 9.11
C LEU A 123 19.04 -5.95 10.05
N LYS A 124 19.14 -6.28 11.33
CA LYS A 124 19.73 -5.36 12.29
C LYS A 124 21.17 -5.00 11.91
N LYS A 125 21.97 -6.00 11.55
CA LYS A 125 23.35 -5.78 11.16
C LYS A 125 23.42 -4.95 9.85
N ALA A 126 22.51 -5.26 8.93
CA ALA A 126 22.46 -4.55 7.67
C ALA A 126 22.13 -3.08 7.90
N SER A 127 21.22 -2.82 8.82
CA SER A 127 20.82 -1.45 9.10
C SER A 127 21.92 -0.68 9.83
N GLU A 128 22.90 -1.40 10.38
CA GLU A 128 23.95 -0.74 11.14
C GLU A 128 25.21 -0.52 10.31
N GLU A 129 25.23 -1.04 9.10
CA GLU A 129 26.31 -0.76 8.15
C GLU A 129 26.23 0.69 7.67
N ASP A 130 27.29 1.15 7.01
CA ASP A 130 27.38 2.49 6.46
C ASP A 130 26.87 2.48 5.02
N HIS A 131 25.73 3.14 4.79
CA HIS A 131 25.15 3.17 3.46
C HIS A 131 25.38 4.51 2.75
N THR A 132 26.30 5.31 3.27
CA THR A 132 26.56 6.66 2.75
C THR A 132 26.74 6.71 1.22
N ASN A 133 27.44 5.72 0.68
CA ASN A 133 27.70 5.69 -0.75
C ASN A 133 26.73 4.79 -1.53
N ALA A 134 25.60 4.45 -0.92
CA ALA A 134 24.56 3.68 -1.61
C ALA A 134 23.34 4.52 -1.94
N ALA A 135 22.66 4.21 -3.04
CA ALA A 135 21.44 4.90 -3.40
C ALA A 135 20.22 4.40 -2.62
N CYS A 136 20.21 3.11 -2.29
CA CYS A 136 19.06 2.53 -1.61
C CYS A 136 19.36 1.19 -0.96
N PHE A 137 18.33 0.58 -0.39
CA PHE A 137 18.45 -0.74 0.22
C PHE A 137 17.28 -1.60 -0.22
N ALA A 138 17.52 -2.90 -0.37
CA ALA A 138 16.46 -3.83 -0.76
C ALA A 138 16.59 -5.12 0.03
N CYS A 139 15.43 -5.66 0.42
CA CYS A 139 15.37 -6.93 1.11
C CYS A 139 14.20 -7.73 0.55
N ILE A 140 14.43 -9.01 0.28
CA ILE A 140 13.41 -9.87 -0.29
C ILE A 140 13.20 -11.06 0.64
N LEU A 141 11.95 -11.26 1.06
CA LEU A 141 11.63 -12.34 1.99
C LEU A 141 10.77 -13.41 1.30
N LEU A 142 11.28 -14.64 1.28
CA LEU A 142 10.56 -15.76 0.67
C LEU A 142 10.28 -16.82 1.74
N SER A 143 9.01 -17.00 2.10
CA SER A 143 8.68 -17.89 3.22
C SER A 143 7.18 -18.13 3.36
N HIS A 144 6.81 -18.96 4.35
CA HIS A 144 5.43 -19.04 4.79
C HIS A 144 5.18 -17.78 5.59
N GLY A 145 3.91 -17.44 5.76
CA GLY A 145 3.57 -16.28 6.56
C GLY A 145 2.10 -16.25 6.89
N GLU A 146 1.75 -15.34 7.79
CA GLU A 146 0.36 -14.98 8.05
C GLU A 146 0.35 -13.47 8.12
N GLU A 147 -0.81 -12.87 8.36
CA GLU A 147 -0.86 -11.41 8.33
C GLU A 147 0.11 -10.80 9.34
N ASN A 148 0.90 -9.84 8.86
CA ASN A 148 1.91 -9.13 9.63
C ASN A 148 3.10 -9.97 10.12
N VAL A 149 3.18 -11.23 9.72
CA VAL A 149 4.20 -12.12 10.28
C VAL A 149 4.82 -13.02 9.20
N ILE A 150 6.07 -13.40 9.41
CA ILE A 150 6.74 -14.26 8.46
C ILE A 150 7.44 -15.43 9.17
N TYR A 151 7.42 -16.60 8.56
CA TYR A 151 8.05 -17.76 9.21
C TYR A 151 9.55 -17.81 9.02
N GLY A 152 10.26 -17.92 10.14
CA GLY A 152 11.61 -18.44 10.14
C GLY A 152 11.55 -19.96 10.13
N LYS A 153 12.71 -20.61 10.21
CA LYS A 153 12.77 -22.05 10.33
C LYS A 153 12.02 -22.58 11.55
N ASP A 154 11.98 -21.76 12.58
CA ASP A 154 11.61 -22.20 13.91
C ASP A 154 10.38 -21.53 14.51
N GLY A 155 9.63 -20.77 13.70
CA GLY A 155 8.51 -20.03 14.22
C GLY A 155 8.22 -18.78 13.41
N VAL A 156 7.41 -17.89 13.96
CA VAL A 156 7.05 -16.67 13.27
C VAL A 156 7.64 -15.43 13.92
N THR A 157 7.91 -14.43 13.10
CA THR A 157 8.42 -13.16 13.60
C THR A 157 7.70 -12.02 12.88
N PRO A 158 7.43 -10.92 13.60
CA PRO A 158 6.68 -9.86 12.93
C PRO A 158 7.51 -9.14 11.87
N ILE A 159 6.88 -8.88 10.72
CA ILE A 159 7.51 -8.14 9.65
C ILE A 159 7.91 -6.73 10.08
N LYS A 160 7.09 -6.13 10.94
CA LYS A 160 7.34 -4.81 11.48
C LYS A 160 8.71 -4.72 12.15
N ASP A 161 9.10 -5.75 12.89
CA ASP A 161 10.35 -5.70 13.64
C ASP A 161 11.55 -5.83 12.72
N LEU A 162 11.36 -6.54 11.62
CA LEU A 162 12.40 -6.69 10.62
C LEU A 162 12.71 -5.38 9.92
N THR A 163 11.67 -4.62 9.62
CA THR A 163 11.80 -3.41 8.83
C THR A 163 12.05 -2.17 9.69
N ALA A 164 11.71 -2.25 10.98
CA ALA A 164 11.82 -1.10 11.85
C ALA A 164 13.27 -0.63 12.00
N HIS A 165 14.22 -1.56 11.84
CA HIS A 165 15.65 -1.25 11.92
C HIS A 165 16.05 -0.15 10.94
N PHE A 166 15.28 -0.02 9.87
CA PHE A 166 15.65 0.89 8.80
C PHE A 166 14.92 2.21 8.86
N ARG A 167 14.18 2.44 9.95
CA ARG A 167 13.58 3.74 10.20
C ARG A 167 14.62 4.85 10.14
N GLY A 168 14.18 6.03 9.72
CA GLY A 168 15.07 7.18 9.56
C GLY A 168 15.92 7.49 10.79
N ASP A 169 15.38 7.24 11.98
CA ASP A 169 16.08 7.54 13.22
C ASP A 169 16.95 6.36 13.67
N ARG A 170 16.89 5.25 12.95
CA ARG A 170 17.68 4.09 13.31
C ARG A 170 18.69 3.68 12.25
N CYS A 171 18.67 4.36 11.11
CA CYS A 171 19.60 4.10 10.03
C CYS A 171 19.85 5.41 9.29
N LYS A 172 20.69 6.26 9.87
CA LYS A 172 20.89 7.61 9.36
C LYS A 172 21.45 7.64 7.94
N THR A 173 22.22 6.62 7.56
CA THR A 173 22.81 6.66 6.22
C THR A 173 21.84 6.19 5.13
N LEU A 174 20.65 5.73 5.51
CA LEU A 174 19.59 5.49 4.52
C LEU A 174 18.49 6.54 4.57
N LEU A 175 18.68 7.55 5.41
CA LEU A 175 17.74 8.66 5.49
C LEU A 175 17.52 9.33 4.12
N GLU A 176 16.25 9.57 3.78
CA GLU A 176 15.83 10.14 2.50
C GLU A 176 16.18 9.24 1.31
N LYS A 177 16.46 7.97 1.60
CA LYS A 177 16.72 7.00 0.55
C LYS A 177 15.65 5.90 0.56
N PRO A 178 15.31 5.37 -0.62
CA PRO A 178 14.30 4.30 -0.68
C PRO A 178 14.75 3.04 0.04
N LYS A 179 13.84 2.47 0.82
CA LYS A 179 14.08 1.21 1.49
C LYS A 179 13.01 0.24 1.01
N LEU A 180 13.42 -0.74 0.21
CA LEU A 180 12.48 -1.62 -0.48
C LEU A 180 12.37 -3.01 0.15
N PHE A 181 11.14 -3.48 0.34
CA PHE A 181 10.90 -4.82 0.85
C PHE A 181 9.92 -5.57 -0.05
N PHE A 182 10.38 -6.71 -0.54
CA PHE A 182 9.56 -7.58 -1.39
C PHE A 182 9.24 -8.84 -0.61
N ILE A 183 7.95 -9.16 -0.50
CA ILE A 183 7.53 -10.24 0.39
C ILE A 183 6.63 -11.24 -0.32
N GLN A 184 7.17 -12.43 -0.57
CA GLN A 184 6.40 -13.56 -1.05
C GLN A 184 6.06 -14.46 0.16
N ALA A 185 4.81 -14.41 0.58
CA ALA A 185 4.33 -15.13 1.78
C ALA A 185 2.82 -14.96 1.88
N CYS A 186 2.13 -15.93 2.47
CA CYS A 186 0.69 -15.77 2.70
C CYS A 186 0.41 -14.70 3.74
N ARG A 187 -0.78 -14.11 3.65
CA ARG A 187 -1.16 -13.08 4.59
C ARG A 187 -2.49 -13.43 5.23
N GLY A 188 -2.79 -14.72 5.25
CA GLY A 188 -4.05 -15.23 5.73
C GLY A 188 -4.50 -16.42 4.90
N THR A 189 -5.75 -16.82 5.08
CA THR A 189 -6.23 -18.06 4.50
C THR A 189 -7.32 -17.87 3.44
N GLU A 190 -7.72 -16.63 3.17
CA GLU A 190 -8.77 -16.43 2.16
C GLU A 190 -8.27 -16.73 0.74
N LEU A 191 -9.20 -17.18 -0.08
CA LEU A 191 -8.95 -17.48 -1.47
C LEU A 191 -9.77 -16.54 -2.34
N ASP A 192 -9.17 -16.08 -3.43
CA ASP A 192 -9.87 -15.22 -4.36
C ASP A 192 -10.39 -16.08 -5.51
N ASP A 193 -11.72 -16.29 -5.58
CA ASP A 193 -12.33 -17.16 -6.59
C ASP A 193 -12.33 -16.53 -7.98
N GLY A 194 -12.14 -15.22 -8.03
CA GLY A 194 -12.14 -14.52 -9.31
C GLY A 194 -13.54 -14.29 -9.85
N ILE A 195 -13.63 -13.69 -11.04
CA ILE A 195 -14.92 -13.42 -11.67
C ILE A 195 -14.79 -13.23 -13.18
N GLN A 196 -15.80 -13.74 -13.91
CA GLN A 196 -16.13 -13.42 -15.31
C GLN A 196 -15.49 -14.41 -16.28
N TYR B 13 13.40 21.14 7.96
CA TYR B 13 14.01 20.45 9.09
C TYR B 13 13.89 18.93 9.04
N LYS B 14 12.79 18.43 9.60
CA LYS B 14 12.63 17.01 9.89
C LYS B 14 11.92 16.18 8.84
N ILE B 15 12.21 14.89 8.88
CA ILE B 15 11.63 13.88 7.99
C ILE B 15 10.98 12.82 8.87
N PRO B 16 9.78 12.36 8.52
CA PRO B 16 9.15 11.30 9.32
C PRO B 16 10.02 10.05 9.32
N VAL B 17 10.06 9.36 10.46
CA VAL B 17 10.92 8.19 10.58
C VAL B 17 10.39 7.03 9.75
N GLU B 18 9.11 7.08 9.40
CA GLU B 18 8.51 6.03 8.56
C GLU B 18 8.52 6.36 7.08
N ALA B 19 9.08 7.52 6.71
CA ALA B 19 9.14 7.93 5.32
C ALA B 19 10.12 7.08 4.49
N ASP B 20 9.81 6.99 3.19
CA ASP B 20 10.68 6.39 2.17
C ASP B 20 10.79 4.86 2.23
N PHE B 21 9.77 4.19 2.76
CA PHE B 21 9.65 2.74 2.61
C PHE B 21 8.75 2.36 1.45
N LEU B 22 9.00 1.21 0.84
CA LEU B 22 8.06 0.60 -0.07
C LEU B 22 7.95 -0.89 0.25
N PHE B 23 6.73 -1.37 0.41
CA PHE B 23 6.48 -2.80 0.61
C PHE B 23 5.75 -3.37 -0.58
N ALA B 24 6.41 -4.29 -1.28
CA ALA B 24 5.79 -4.94 -2.40
C ALA B 24 5.34 -6.35 -1.97
N TYR B 25 4.09 -6.49 -1.54
CA TYR B 25 3.59 -7.79 -1.09
C TYR B 25 3.08 -8.62 -2.26
N SER B 26 3.23 -9.93 -2.18
CA SER B 26 2.78 -10.81 -3.25
C SER B 26 1.25 -10.93 -3.30
N THR B 27 0.60 -10.58 -2.21
CA THR B 27 -0.83 -10.72 -2.11
C THR B 27 -1.42 -9.68 -1.15
N VAL B 28 -2.74 -9.61 -1.09
CA VAL B 28 -3.43 -8.62 -0.29
C VAL B 28 -3.64 -9.16 1.13
N PRO B 29 -3.87 -8.26 2.11
CA PRO B 29 -4.09 -8.75 3.49
C PRO B 29 -5.24 -9.76 3.60
N GLY B 30 -5.02 -10.83 4.36
CA GLY B 30 -6.07 -11.81 4.60
C GLY B 30 -6.02 -12.99 3.63
N TYR B 31 -5.21 -12.87 2.59
CA TYR B 31 -5.25 -13.85 1.52
C TYR B 31 -4.00 -14.71 1.39
N VAL B 32 -4.15 -15.81 0.65
CA VAL B 32 -3.06 -16.72 0.39
C VAL B 32 -2.20 -16.18 -0.73
N SER B 33 -1.09 -16.86 -0.99
CA SER B 33 -0.19 -16.48 -2.06
C SER B 33 0.23 -17.78 -2.75
N MET B 34 0.10 -17.81 -4.08
CA MET B 34 0.31 -19.05 -4.83
C MET B 34 1.77 -19.32 -5.21
N ARG B 35 2.18 -20.58 -5.08
CA ARG B 35 3.52 -21.01 -5.50
C ARG B 35 3.51 -22.33 -6.29
N SER B 36 3.97 -22.26 -7.54
CA SER B 36 4.15 -23.45 -8.36
C SER B 36 5.49 -24.11 -8.11
N PRO B 37 5.47 -25.35 -7.58
CA PRO B 37 6.70 -26.08 -7.21
C PRO B 37 7.66 -26.27 -8.38
N GLY B 38 7.12 -26.33 -9.59
CA GLY B 38 7.93 -26.51 -10.78
C GLY B 38 8.48 -25.23 -11.36
N ARG B 39 7.77 -24.12 -11.18
CA ARG B 39 8.20 -22.85 -11.75
C ARG B 39 8.35 -21.70 -10.76
N GLY B 40 8.03 -21.93 -9.50
CA GLY B 40 8.18 -20.89 -8.50
C GLY B 40 6.89 -20.12 -8.27
N SER B 41 6.93 -19.17 -7.36
CA SER B 41 5.73 -18.44 -6.99
C SER B 41 5.31 -17.45 -8.10
N TRP B 42 4.02 -17.18 -8.16
CA TRP B 42 3.46 -16.34 -9.21
C TRP B 42 4.07 -14.93 -9.20
N PHE B 43 4.06 -14.33 -8.02
CA PHE B 43 4.58 -12.99 -7.85
C PHE B 43 6.04 -12.85 -8.27
N VAL B 44 6.88 -13.81 -7.89
CA VAL B 44 8.30 -13.71 -8.20
C VAL B 44 8.52 -13.91 -9.71
N GLN B 45 7.83 -14.88 -10.31
CA GLN B 45 7.90 -15.05 -11.75
C GLN B 45 7.55 -13.74 -12.46
N ALA B 46 6.44 -13.13 -12.05
CA ALA B 46 5.96 -11.91 -12.69
C ALA B 46 6.93 -10.77 -12.49
N LEU B 47 7.41 -10.64 -11.27
CA LEU B 47 8.34 -9.57 -10.92
C LEU B 47 9.62 -9.65 -11.75
N CYS B 48 10.19 -10.84 -11.83
CA CYS B 48 11.40 -11.03 -12.59
C CYS B 48 11.20 -10.77 -14.08
N SER B 49 10.08 -11.21 -14.66
CA SER B 49 9.84 -10.96 -16.09
C SER B 49 9.82 -9.46 -16.37
N ILE B 50 9.10 -8.70 -15.54
CA ILE B 50 8.96 -7.28 -15.77
C ILE B 50 10.27 -6.55 -15.48
N LEU B 51 10.99 -6.99 -14.45
CA LEU B 51 12.30 -6.41 -14.15
C LEU B 51 13.29 -6.69 -15.28
N GLU B 52 13.27 -7.92 -15.77
CA GLU B 52 14.12 -8.35 -16.88
C GLU B 52 13.93 -7.45 -18.09
N GLU B 53 12.67 -7.17 -18.42
CA GLU B 53 12.35 -6.32 -19.57
C GLU B 53 12.43 -4.81 -19.33
N HIS B 54 12.08 -4.36 -18.11
CA HIS B 54 11.92 -2.92 -17.91
C HIS B 54 12.57 -2.35 -16.66
N GLY B 55 13.39 -3.14 -15.98
CA GLY B 55 13.96 -2.71 -14.72
C GLY B 55 14.74 -1.42 -14.80
N LYS B 56 15.28 -1.12 -15.97
CA LYS B 56 16.15 0.05 -16.15
C LYS B 56 15.45 1.27 -16.75
N ASP B 57 14.24 1.11 -17.27
CA ASP B 57 13.61 2.26 -17.93
C ASP B 57 12.23 2.68 -17.38
N LEU B 58 11.65 1.90 -16.48
CA LEU B 58 10.36 2.28 -15.92
C LEU B 58 10.48 2.70 -14.45
N GLU B 59 9.60 3.58 -14.00
CA GLU B 59 9.59 3.99 -12.60
C GLU B 59 9.05 2.80 -11.79
N ILE B 60 9.42 2.67 -10.53
CA ILE B 60 9.13 1.42 -9.81
C ILE B 60 7.62 1.14 -9.67
N MET B 61 6.79 2.17 -9.46
CA MET B 61 5.35 1.97 -9.43
C MET B 61 4.80 1.51 -10.77
N GLN B 62 5.38 1.99 -11.87
CA GLN B 62 5.02 1.46 -13.18
C GLN B 62 5.37 -0.02 -13.26
N ILE B 63 6.53 -0.38 -12.71
CA ILE B 63 6.98 -1.77 -12.76
C ILE B 63 6.03 -2.66 -11.96
N LEU B 64 5.74 -2.25 -10.73
CA LEU B 64 4.93 -3.04 -9.82
C LEU B 64 3.46 -3.10 -10.26
N THR B 65 2.99 -2.01 -10.89
CA THR B 65 1.65 -2.01 -11.45
C THR B 65 1.52 -3.06 -12.56
N ARG B 66 2.51 -3.12 -13.43
CA ARG B 66 2.53 -4.14 -14.47
C ARG B 66 2.63 -5.53 -13.87
N VAL B 67 3.35 -5.65 -12.75
CA VAL B 67 3.45 -6.93 -12.06
C VAL B 67 2.07 -7.33 -11.55
N ASN B 68 1.36 -6.38 -10.97
CA ASN B 68 -0.01 -6.61 -10.52
C ASN B 68 -0.85 -7.18 -11.66
N ASP B 69 -0.77 -6.54 -12.82
CA ASP B 69 -1.53 -6.96 -13.99
C ASP B 69 -1.20 -8.38 -14.44
N ARG B 70 0.09 -8.71 -14.48
CA ARG B 70 0.53 -10.04 -14.91
C ARG B 70 0.10 -11.13 -13.95
N VAL B 71 0.22 -10.89 -12.65
CA VAL B 71 -0.24 -11.85 -11.65
C VAL B 71 -1.76 -12.06 -11.76
N ALA B 72 -2.48 -10.96 -11.94
CA ALA B 72 -3.93 -10.97 -12.00
C ALA B 72 -4.44 -11.68 -13.25
N ARG B 73 -3.76 -11.47 -14.38
CA ARG B 73 -4.26 -12.00 -15.63
C ARG B 73 -3.66 -13.34 -16.05
N HIS B 74 -2.34 -13.50 -15.97
CA HIS B 74 -1.69 -14.67 -16.55
C HIS B 74 -1.80 -15.94 -15.69
N PHE B 75 -2.18 -15.80 -14.42
CA PHE B 75 -2.18 -16.97 -13.55
C PHE B 75 -3.57 -17.38 -13.07
N GLU B 76 -3.77 -18.68 -12.98
CA GLU B 76 -4.97 -19.25 -12.38
C GLU B 76 -4.59 -20.62 -11.83
N SER B 77 -5.00 -20.92 -10.60
CA SER B 77 -4.49 -22.10 -9.92
C SER B 77 -5.06 -23.41 -10.45
N CYS B 78 -4.22 -24.45 -10.46
CA CYS B 78 -4.67 -25.81 -10.69
C CYS B 78 -4.34 -26.69 -9.49
N SER B 79 -5.36 -27.28 -8.91
CA SER B 79 -5.18 -28.22 -7.82
C SER B 79 -6.14 -29.39 -8.00
N ASP B 80 -5.77 -30.55 -7.48
CA ASP B 80 -6.67 -31.70 -7.48
C ASP B 80 -7.67 -31.53 -6.34
N ASP B 81 -7.27 -30.79 -5.31
CA ASP B 81 -8.19 -30.30 -4.29
C ASP B 81 -9.04 -29.19 -4.90
N PRO B 82 -10.36 -29.43 -5.05
CA PRO B 82 -11.26 -28.45 -5.67
C PRO B 82 -11.38 -27.16 -4.87
N HIS B 83 -11.14 -27.24 -3.56
CA HIS B 83 -11.12 -26.06 -2.71
C HIS B 83 -10.06 -25.04 -3.15
N PHE B 84 -8.97 -25.54 -3.72
CA PHE B 84 -7.87 -24.68 -4.16
C PHE B 84 -7.78 -24.56 -5.68
N HIS B 85 -8.83 -24.98 -6.37
CA HIS B 85 -8.81 -25.04 -7.82
C HIS B 85 -9.33 -23.73 -8.42
N GLU B 86 -8.70 -23.29 -9.52
CA GLU B 86 -9.13 -22.11 -10.27
C GLU B 86 -9.21 -20.82 -9.45
N LYS B 87 -8.28 -20.67 -8.50
CA LYS B 87 -8.23 -19.44 -7.71
C LYS B 87 -7.32 -18.40 -8.35
N LYS B 88 -7.52 -17.14 -7.95
CA LYS B 88 -6.78 -16.02 -8.54
C LYS B 88 -6.00 -15.25 -7.47
N GLN B 89 -5.13 -14.35 -7.89
CA GLN B 89 -4.32 -13.59 -6.93
C GLN B 89 -4.00 -12.19 -7.43
N ILE B 90 -4.07 -11.20 -6.53
CA ILE B 90 -3.62 -9.84 -6.83
C ILE B 90 -2.60 -9.38 -5.78
N PRO B 91 -1.44 -8.88 -6.24
CA PRO B 91 -0.45 -8.41 -5.27
C PRO B 91 -0.86 -7.08 -4.67
N CYS B 92 -0.01 -6.53 -3.82
CA CYS B 92 -0.39 -5.40 -3.00
C CYS B 92 0.82 -4.54 -2.72
N VAL B 93 0.83 -3.35 -3.32
CA VAL B 93 1.95 -2.43 -3.16
C VAL B 93 1.65 -1.39 -2.13
N VAL B 94 2.55 -1.22 -1.16
CA VAL B 94 2.39 -0.20 -0.15
C VAL B 94 3.54 0.78 -0.25
N SER B 95 3.23 2.02 -0.62
CA SER B 95 4.28 3.01 -0.82
C SER B 95 4.25 4.17 0.16
N MET B 96 5.35 4.33 0.87
CA MET B 96 5.63 5.55 1.63
C MET B 96 6.76 6.32 0.96
N LEU B 97 7.00 6.06 -0.32
CA LEU B 97 8.03 6.79 -1.05
C LEU B 97 7.67 8.26 -1.21
N THR B 98 8.68 9.12 -1.25
CA THR B 98 8.44 10.56 -1.38
C THR B 98 8.96 11.11 -2.71
N LYS B 99 9.55 10.24 -3.52
CA LYS B 99 10.00 10.62 -4.86
C LYS B 99 9.74 9.47 -5.83
N GLU B 100 9.92 9.72 -7.12
CA GLU B 100 9.89 8.65 -8.11
C GLU B 100 11.23 7.88 -8.10
N LEU B 101 11.17 6.58 -8.35
CA LEU B 101 12.37 5.75 -8.27
C LEU B 101 12.69 5.05 -9.58
N TYR B 102 13.86 5.39 -10.14
CA TYR B 102 14.39 4.71 -11.32
C TYR B 102 15.72 4.06 -10.94
N PHE B 103 15.95 2.85 -11.42
CA PHE B 103 17.18 2.14 -11.09
C PHE B 103 18.40 2.49 -11.93
N SER B 104 18.28 3.43 -12.87
CA SER B 104 19.45 3.85 -13.65
C SER B 104 19.83 5.33 -13.45
N GLN B 105 20.97 5.70 -14.02
CA GLN B 105 21.52 7.07 -14.04
C GLN B 105 21.91 7.60 -12.65
N THR C 57 -2.46 0.42 -23.92
CA THR C 57 -2.77 -0.87 -23.30
C THR C 57 -2.12 -0.98 -21.90
N TYR C 58 -1.55 0.13 -21.42
CA TYR C 58 -1.00 0.17 -20.07
C TYR C 58 -1.76 1.17 -19.18
N GLN C 59 -2.76 1.82 -19.75
CA GLN C 59 -3.57 2.77 -19.00
C GLN C 59 -5.03 2.36 -18.95
N TYR C 60 -5.69 2.64 -17.83
CA TYR C 60 -7.12 2.43 -17.71
C TYR C 60 -7.83 3.20 -18.80
N ASN C 61 -8.78 2.55 -19.44
CA ASN C 61 -9.60 3.19 -20.47
C ASN C 61 -10.48 4.28 -19.85
N MET C 62 -10.30 5.52 -20.29
CA MET C 62 -11.06 6.63 -19.72
C MET C 62 -12.14 7.16 -20.68
N ASN C 63 -12.45 6.38 -21.70
CA ASN C 63 -13.40 6.83 -22.70
C ASN C 63 -14.81 6.34 -22.36
N PHE C 64 -15.43 7.06 -21.42
CA PHE C 64 -16.77 6.75 -20.93
C PHE C 64 -17.54 8.06 -20.92
N GLU C 65 -18.88 7.98 -20.89
CA GLU C 65 -19.72 9.17 -20.88
C GLU C 65 -19.34 10.04 -19.69
N LYS C 66 -18.98 9.40 -18.58
CA LYS C 66 -18.65 10.15 -17.38
C LYS C 66 -17.43 9.58 -16.65
N LEU C 67 -16.72 10.45 -15.94
CA LEU C 67 -15.59 10.04 -15.12
C LEU C 67 -16.06 9.11 -13.99
N GLY C 68 -17.09 9.54 -13.27
CA GLY C 68 -17.72 8.67 -12.28
C GLY C 68 -18.18 9.35 -11.01
N LYS C 69 -18.62 8.53 -10.07
CA LYS C 69 -19.13 9.04 -8.81
C LYS C 69 -18.01 9.28 -7.78
N CYS C 70 -18.14 10.36 -7.02
CA CYS C 70 -17.27 10.61 -5.88
C CYS C 70 -18.14 10.81 -4.63
N ILE C 71 -18.05 9.86 -3.71
CA ILE C 71 -18.77 9.95 -2.46
C ILE C 71 -17.85 10.47 -1.38
N ILE C 72 -18.27 11.56 -0.73
CA ILE C 72 -17.54 12.08 0.42
C ILE C 72 -18.34 11.87 1.70
N ILE C 73 -17.71 11.28 2.70
CA ILE C 73 -18.36 11.11 3.99
C ILE C 73 -17.64 11.97 5.02
N ASN C 74 -18.33 13.01 5.48
CA ASN C 74 -17.73 14.02 6.33
C ASN C 74 -18.28 13.92 7.75
N ASN C 75 -17.54 13.23 8.61
CA ASN C 75 -17.97 12.98 9.97
C ASN C 75 -17.30 13.94 10.96
N LYS C 76 -18.07 14.92 11.43
CA LYS C 76 -17.58 15.95 12.33
C LYS C 76 -17.96 15.67 13.77
N ASN C 77 -19.22 15.25 13.95
CA ASN C 77 -19.82 15.11 15.29
C ASN C 77 -20.12 13.66 15.67
N PHE C 78 -19.80 13.31 16.91
CA PHE C 78 -19.88 11.93 17.37
C PHE C 78 -20.65 11.81 18.68
N ASP C 79 -21.44 10.73 18.81
CA ASP C 79 -22.08 10.42 20.08
C ASP C 79 -21.02 10.37 21.19
N LYS C 80 -21.26 11.05 22.31
CA LYS C 80 -20.27 11.11 23.38
C LYS C 80 -19.84 9.73 23.93
N VAL C 81 -20.71 8.73 23.83
CA VAL C 81 -20.35 7.40 24.32
C VAL C 81 -19.19 6.77 23.55
N THR C 82 -18.89 7.31 22.36
CA THR C 82 -17.77 6.78 21.57
C THR C 82 -16.43 7.29 22.11
N GLY C 83 -16.46 8.32 22.94
CA GLY C 83 -15.22 8.88 23.44
C GLY C 83 -14.61 9.93 22.52
N MET C 84 -15.16 10.04 21.31
CA MET C 84 -14.62 10.93 20.29
C MET C 84 -15.08 12.38 20.39
N GLY C 85 -14.17 13.30 20.13
CA GLY C 85 -14.49 14.72 20.10
C GLY C 85 -14.86 15.24 18.72
N VAL C 86 -15.29 16.50 18.66
CA VAL C 86 -15.64 17.12 17.39
C VAL C 86 -14.37 17.27 16.54
N ARG C 87 -14.48 17.05 15.24
CA ARG C 87 -13.34 17.12 14.33
C ARG C 87 -13.29 18.48 13.65
N ASN C 88 -13.03 19.52 14.44
CA ASN C 88 -12.91 20.87 13.91
C ASN C 88 -11.88 20.94 12.78
N GLY C 89 -12.24 21.63 11.70
CA GLY C 89 -11.40 21.69 10.52
C GLY C 89 -11.91 20.77 9.41
N THR C 90 -12.78 19.81 9.75
CA THR C 90 -13.20 18.84 8.76
C THR C 90 -14.10 19.43 7.68
N ASP C 91 -14.85 20.49 8.00
CA ASP C 91 -15.76 21.08 7.02
C ASP C 91 -14.96 21.71 5.88
N LYS C 92 -13.89 22.41 6.24
CA LYS C 92 -12.96 22.98 5.27
C LYS C 92 -12.35 21.89 4.34
N ASP C 93 -12.00 20.73 4.90
CA ASP C 93 -11.56 19.60 4.07
C ASP C 93 -12.63 19.19 3.06
N ALA C 94 -13.85 19.00 3.55
CA ALA C 94 -14.93 18.53 2.70
C ALA C 94 -15.22 19.52 1.58
N GLU C 95 -15.16 20.81 1.91
CA GLU C 95 -15.38 21.84 0.90
C GLU C 95 -14.31 21.78 -0.18
N ALA C 96 -13.05 21.67 0.24
CA ALA C 96 -11.94 21.68 -0.70
C ALA C 96 -11.92 20.43 -1.56
N LEU C 97 -12.26 19.29 -0.96
CA LEU C 97 -12.30 18.02 -1.67
C LEU C 97 -13.37 18.05 -2.73
N PHE C 98 -14.52 18.56 -2.33
CA PHE C 98 -15.66 18.67 -3.21
C PHE C 98 -15.37 19.53 -4.45
N LYS C 99 -14.82 20.71 -4.23
CA LYS C 99 -14.48 21.61 -5.33
C LYS C 99 -13.46 20.94 -6.22
N CYS C 100 -12.46 20.34 -5.58
CA CYS C 100 -11.37 19.69 -6.29
C CYS C 100 -11.85 18.51 -7.16
N PHE C 101 -12.66 17.61 -6.61
CA PHE C 101 -13.10 16.44 -7.38
C PHE C 101 -14.19 16.76 -8.41
N ARG C 102 -14.99 17.80 -8.16
CA ARG C 102 -15.95 18.24 -9.16
C ARG C 102 -15.17 18.77 -10.36
N SER C 103 -14.10 19.50 -10.06
CA SER C 103 -13.26 20.07 -11.10
C SER C 103 -12.59 18.99 -11.95
N LEU C 104 -12.29 17.85 -11.35
CA LEU C 104 -11.74 16.70 -12.08
C LEU C 104 -12.75 16.04 -13.02
N GLY C 105 -14.04 16.24 -12.76
CA GLY C 105 -15.07 15.57 -13.56
C GLY C 105 -15.96 14.59 -12.82
N PHE C 106 -15.73 14.41 -11.52
CA PHE C 106 -16.56 13.50 -10.72
C PHE C 106 -17.94 14.06 -10.41
N ASP C 107 -18.95 13.20 -10.35
CA ASP C 107 -20.25 13.57 -9.77
C ASP C 107 -20.12 13.46 -8.24
N VAL C 108 -19.99 14.60 -7.57
CA VAL C 108 -19.70 14.60 -6.15
C VAL C 108 -20.96 14.65 -5.27
N ILE C 109 -20.98 13.79 -4.27
CA ILE C 109 -22.05 13.79 -3.29
C ILE C 109 -21.41 13.84 -1.90
N VAL C 110 -21.89 14.75 -1.04
CA VAL C 110 -21.34 14.88 0.30
C VAL C 110 -22.35 14.44 1.38
N TYR C 111 -21.93 13.49 2.22
CA TYR C 111 -22.72 13.01 3.37
C TYR C 111 -22.10 13.49 4.67
N ASN C 112 -22.94 13.82 5.63
CA ASN C 112 -22.48 14.39 6.89
C ASN C 112 -22.93 13.66 8.18
N ASP C 113 -22.00 13.49 9.12
CA ASP C 113 -22.28 12.90 10.43
C ASP C 113 -23.06 11.59 10.32
N CYS C 114 -22.46 10.63 9.62
CA CYS C 114 -23.08 9.34 9.33
C CYS C 114 -22.86 8.29 10.40
N SER C 115 -23.92 7.56 10.71
CA SER C 115 -23.79 6.40 11.56
C SER C 115 -23.04 5.32 10.79
N CYS C 116 -22.56 4.31 11.51
CA CYS C 116 -21.95 3.15 10.88
C CYS C 116 -22.91 2.47 9.90
N ALA C 117 -24.18 2.35 10.28
CA ALA C 117 -25.16 1.69 9.42
C ALA C 117 -25.38 2.49 8.14
N LYS C 118 -25.49 3.81 8.29
CA LYS C 118 -25.65 4.69 7.15
C LYS C 118 -24.46 4.55 6.19
N MET C 119 -23.24 4.57 6.72
CA MET C 119 -22.05 4.39 5.88
C MET C 119 -22.07 3.06 5.11
N GLN C 120 -22.38 1.97 5.79
CA GLN C 120 -22.45 0.68 5.15
C GLN C 120 -23.53 0.64 4.08
N ASP C 121 -24.69 1.22 4.37
CA ASP C 121 -25.84 1.17 3.46
C ASP C 121 -25.62 2.00 2.19
N LEU C 122 -25.16 3.21 2.41
CA LEU C 122 -24.82 4.20 1.41
C LEU C 122 -23.84 3.66 0.36
N LEU C 123 -22.81 2.97 0.82
CA LEU C 123 -21.80 2.41 -0.07
C LEU C 123 -22.32 1.15 -0.78
N LYS C 124 -23.09 0.34 -0.06
CA LYS C 124 -23.76 -0.82 -0.64
C LYS C 124 -24.66 -0.43 -1.81
N LYS C 125 -25.51 0.58 -1.59
CA LYS C 125 -26.41 1.04 -2.65
C LYS C 125 -25.63 1.66 -3.80
N ALA C 126 -24.56 2.37 -3.48
CA ALA C 126 -23.72 2.95 -4.52
C ALA C 126 -23.13 1.81 -5.37
N SER C 127 -22.78 0.70 -4.71
CA SER C 127 -22.20 -0.43 -5.41
C SER C 127 -23.23 -1.16 -6.28
N GLU C 128 -24.51 -0.88 -6.05
CA GLU C 128 -25.59 -1.54 -6.77
C GLU C 128 -26.13 -0.68 -7.91
N GLU C 129 -25.68 0.56 -7.98
CA GLU C 129 -26.02 1.41 -9.11
C GLU C 129 -25.33 0.91 -10.38
N ASP C 130 -25.72 1.47 -11.52
CA ASP C 130 -25.14 1.09 -12.80
C ASP C 130 -23.98 2.00 -13.12
N HIS C 131 -22.77 1.45 -13.09
CA HIS C 131 -21.57 2.23 -13.38
C HIS C 131 -21.02 1.98 -14.78
N THR C 132 -21.82 1.30 -15.61
CA THR C 132 -21.41 0.92 -16.96
C THR C 132 -20.79 2.08 -17.73
N ASN C 133 -21.35 3.27 -17.57
CA ASN C 133 -20.87 4.43 -18.31
C ASN C 133 -19.93 5.34 -17.54
N ALA C 134 -19.38 4.83 -16.46
CA ALA C 134 -18.39 5.57 -15.68
C ALA C 134 -17.00 4.93 -15.84
N ALA C 135 -15.96 5.75 -15.78
CA ALA C 135 -14.58 5.26 -15.86
C ALA C 135 -14.07 4.69 -14.53
N CYS C 136 -14.52 5.27 -13.43
CA CYS C 136 -14.03 4.84 -12.14
C CYS C 136 -14.97 5.26 -11.02
N PHE C 137 -14.56 4.94 -9.80
CA PHE C 137 -15.32 5.30 -8.61
C PHE C 137 -14.36 5.85 -7.57
N ALA C 138 -14.81 6.82 -6.79
CA ALA C 138 -13.97 7.39 -5.76
C ALA C 138 -14.79 7.61 -4.51
N CYS C 139 -14.18 7.32 -3.36
CA CYS C 139 -14.83 7.54 -2.08
C CYS C 139 -13.82 8.14 -1.14
N ILE C 140 -14.24 9.18 -0.44
CA ILE C 140 -13.34 9.87 0.49
C ILE C 140 -13.94 9.83 1.88
N LEU C 141 -13.17 9.30 2.83
CA LEU C 141 -13.65 9.15 4.20
C LEU C 141 -12.90 10.08 5.14
N LEU C 142 -13.66 10.94 5.82
CA LEU C 142 -13.11 11.89 6.79
C LEU C 142 -13.68 11.60 8.17
N SER C 143 -12.84 11.09 9.06
CA SER C 143 -13.35 10.68 10.34
C SER C 143 -12.30 10.33 11.34
N HIS C 144 -12.77 9.94 12.50
CA HIS C 144 -11.95 9.26 13.48
C HIS C 144 -11.70 7.83 13.04
N GLY C 145 -10.62 7.25 13.56
CA GLY C 145 -10.30 5.89 13.24
C GLY C 145 -9.28 5.27 14.15
N GLU C 146 -9.19 3.96 14.07
CA GLU C 146 -8.10 3.21 14.68
C GLU C 146 -7.68 2.20 13.62
N GLU C 147 -6.71 1.36 13.93
CA GLU C 147 -6.17 0.47 12.92
C GLU C 147 -7.26 -0.43 12.31
N ASN C 148 -7.30 -0.45 10.97
CA ASN C 148 -8.26 -1.23 10.16
C ASN C 148 -9.71 -0.83 10.32
N VAL C 149 -9.95 0.25 11.02
CA VAL C 149 -11.30 0.58 11.42
C VAL C 149 -11.61 2.07 11.32
N ILE C 150 -12.85 2.42 11.02
CA ILE C 150 -13.26 3.81 10.92
C ILE C 150 -14.54 4.09 11.71
N TYR C 151 -14.60 5.28 12.31
CA TYR C 151 -15.73 5.69 13.13
C TYR C 151 -16.93 6.23 12.37
N GLY C 152 -18.09 5.65 12.64
CA GLY C 152 -19.35 6.33 12.41
C GLY C 152 -19.58 7.23 13.62
N LYS C 153 -20.67 7.99 13.63
CA LYS C 153 -20.95 8.81 14.79
C LYS C 153 -21.20 7.96 16.05
N ASP C 154 -21.56 6.69 15.84
CA ASP C 154 -22.04 5.83 16.92
C ASP C 154 -21.14 4.62 17.18
N GLY C 155 -19.94 4.60 16.61
CA GLY C 155 -19.04 3.46 16.78
C GLY C 155 -18.08 3.22 15.64
N VAL C 156 -17.45 2.04 15.62
CA VAL C 156 -16.51 1.72 14.55
C VAL C 156 -16.99 0.58 13.65
N THR C 157 -16.60 0.68 12.40
CA THR C 157 -16.92 -0.33 11.39
C THR C 157 -15.62 -0.57 10.60
N PRO C 158 -15.36 -1.82 10.19
CA PRO C 158 -14.10 -2.12 9.51
C PRO C 158 -14.01 -1.52 8.11
N ILE C 159 -12.83 -1.02 7.74
CA ILE C 159 -12.59 -0.46 6.41
C ILE C 159 -12.84 -1.52 5.35
N LYS C 160 -12.47 -2.76 5.68
CA LYS C 160 -12.66 -3.91 4.82
C LYS C 160 -14.10 -4.10 4.38
N ASP C 161 -15.04 -3.90 5.30
CA ASP C 161 -16.47 -4.09 4.97
C ASP C 161 -17.00 -2.94 4.13
N LEU C 162 -16.48 -1.74 4.34
CA LEU C 162 -16.92 -0.59 3.55
C LEU C 162 -16.51 -0.74 2.09
N THR C 163 -15.32 -1.28 1.86
CA THR C 163 -14.81 -1.36 0.49
C THR C 163 -15.20 -2.67 -0.19
N ALA C 164 -15.57 -3.67 0.58
CA ALA C 164 -15.88 -4.99 0.04
C ALA C 164 -17.09 -4.94 -0.91
N HIS C 165 -17.98 -3.96 -0.70
CA HIS C 165 -19.14 -3.78 -1.56
C HIS C 165 -18.77 -3.62 -3.03
N PHE C 166 -17.56 -3.13 -3.29
CA PHE C 166 -17.17 -2.79 -4.65
C PHE C 166 -16.26 -3.86 -5.26
N ARG C 167 -16.10 -4.99 -4.57
CA ARG C 167 -15.37 -6.15 -5.13
C ARG C 167 -15.88 -6.54 -6.51
N GLY C 168 -14.98 -7.10 -7.32
CA GLY C 168 -15.31 -7.48 -8.68
C GLY C 168 -16.56 -8.34 -8.83
N ASP C 169 -16.79 -9.20 -7.84
CA ASP C 169 -17.95 -10.10 -7.86
C ASP C 169 -19.20 -9.53 -7.22
N ARG C 170 -19.10 -8.35 -6.62
CA ARG C 170 -20.26 -7.74 -5.96
C ARG C 170 -20.64 -6.42 -6.60
N CYS C 171 -19.84 -6.00 -7.57
CA CYS C 171 -20.11 -4.77 -8.31
C CYS C 171 -19.61 -4.93 -9.73
N LYS C 172 -20.35 -5.71 -10.51
CA LYS C 172 -19.86 -6.12 -11.82
C LYS C 172 -19.65 -4.95 -12.78
N THR C 173 -20.35 -3.84 -12.58
CA THR C 173 -20.21 -2.72 -13.50
C THR C 173 -18.98 -1.85 -13.21
N LEU C 174 -18.27 -2.12 -12.11
CA LEU C 174 -16.97 -1.46 -11.88
C LEU C 174 -15.79 -2.42 -12.12
N LEU C 175 -16.08 -3.63 -12.58
CA LEU C 175 -15.07 -4.61 -12.91
C LEU C 175 -14.05 -4.04 -13.90
N GLU C 176 -12.76 -4.26 -13.61
CA GLU C 176 -11.63 -3.75 -14.40
C GLU C 176 -11.58 -2.22 -14.41
N LYS C 177 -12.26 -1.59 -13.48
CA LYS C 177 -12.19 -0.14 -13.36
C LYS C 177 -11.60 0.22 -12.00
N PRO C 178 -10.84 1.32 -11.94
CA PRO C 178 -10.23 1.72 -10.66
C PRO C 178 -11.27 2.09 -9.61
N LYS C 179 -11.06 1.58 -8.41
CA LYS C 179 -11.92 1.91 -7.28
C LYS C 179 -11.05 2.59 -6.23
N LEU C 180 -11.22 3.90 -6.07
CA LEU C 180 -10.35 4.71 -5.24
C LEU C 180 -10.98 5.08 -3.90
N PHE C 181 -10.19 4.93 -2.85
CA PHE C 181 -10.61 5.31 -1.51
C PHE C 181 -9.54 6.19 -0.88
N PHE C 182 -9.92 7.38 -0.47
CA PHE C 182 -9.02 8.31 0.18
C PHE C 182 -9.49 8.40 1.62
N ILE C 183 -8.59 8.18 2.57
CA ILE C 183 -9.00 8.03 3.96
C ILE C 183 -8.21 8.92 4.91
N GLN C 184 -8.88 9.95 5.43
CA GLN C 184 -8.31 10.80 6.45
C GLN C 184 -8.84 10.36 7.81
N ALA C 185 -7.99 9.70 8.59
CA ALA C 185 -8.36 9.11 9.86
C ALA C 185 -7.12 8.57 10.57
N CYS C 186 -7.13 8.54 11.89
CA CYS C 186 -6.04 7.91 12.63
C CYS C 186 -6.07 6.40 12.44
N ARG C 187 -4.91 5.76 12.58
CA ARG C 187 -4.81 4.31 12.42
C ARG C 187 -4.13 3.72 13.64
N GLY C 188 -4.23 4.42 14.76
CA GLY C 188 -3.55 4.05 15.98
C GLY C 188 -3.11 5.30 16.71
N THR C 189 -2.26 5.14 17.72
CA THR C 189 -1.93 6.24 18.61
C THR C 189 -0.48 6.68 18.57
N GLU C 190 0.33 6.01 17.75
CA GLU C 190 1.75 6.35 17.69
C GLU C 190 2.00 7.71 17.08
N LEU C 191 3.06 8.36 17.55
CA LEU C 191 3.47 9.66 17.03
C LEU C 191 4.84 9.53 16.39
N ASP C 192 5.04 10.20 15.27
CA ASP C 192 6.33 10.20 14.57
C ASP C 192 7.12 11.44 14.99
N ASP C 193 8.20 11.25 15.75
CA ASP C 193 8.99 12.37 16.27
C ASP C 193 9.83 13.03 15.20
N GLY C 194 10.03 12.34 14.09
CA GLY C 194 10.84 12.86 13.01
C GLY C 194 12.32 12.71 13.30
N ILE C 195 13.14 13.17 12.37
CA ILE C 195 14.59 13.11 12.52
C ILE C 195 15.24 14.13 11.59
N GLN C 196 16.33 14.72 12.07
CA GLN C 196 17.32 15.52 11.30
C GLN C 196 16.99 17.01 11.42
N TYR D 13 -9.42 -14.95 -19.11
CA TYR D 13 -10.78 -15.14 -18.58
C TYR D 13 -11.02 -14.37 -17.27
N LYS D 14 -10.62 -14.90 -16.12
CA LYS D 14 -11.04 -14.30 -14.85
C LYS D 14 -10.12 -13.21 -14.28
N ILE D 15 -10.73 -12.36 -13.45
CA ILE D 15 -10.07 -11.25 -12.76
C ILE D 15 -10.23 -11.43 -11.26
N PRO D 16 -9.16 -11.20 -10.48
CA PRO D 16 -9.30 -11.33 -9.01
C PRO D 16 -10.31 -10.32 -8.49
N VAL D 17 -11.10 -10.72 -7.50
CA VAL D 17 -12.17 -9.86 -6.99
C VAL D 17 -11.61 -8.66 -6.24
N GLU D 18 -10.37 -8.77 -5.76
CA GLU D 18 -9.72 -7.70 -5.03
C GLU D 18 -8.89 -6.78 -5.93
N ALA D 19 -8.86 -7.06 -7.23
CA ALA D 19 -8.07 -6.24 -8.15
C ALA D 19 -8.65 -4.83 -8.36
N ASP D 20 -7.77 -3.88 -8.66
CA ASP D 20 -8.12 -2.52 -9.08
C ASP D 20 -8.67 -1.63 -7.98
N PHE D 21 -8.29 -1.91 -6.73
CA PHE D 21 -8.54 -0.97 -5.65
C PHE D 21 -7.29 -0.12 -5.43
N LEU D 22 -7.49 1.11 -4.99
CA LEU D 22 -6.40 1.91 -4.47
C LEU D 22 -6.87 2.59 -3.19
N PHE D 23 -6.07 2.44 -2.14
CA PHE D 23 -6.34 3.07 -0.87
C PHE D 23 -5.27 4.12 -0.58
N ALA D 24 -5.67 5.37 -0.54
CA ALA D 24 -4.77 6.45 -0.21
C ALA D 24 -5.03 6.86 1.23
N TYR D 25 -4.26 6.27 2.16
CA TYR D 25 -4.42 6.61 3.58
C TYR D 25 -3.60 7.83 3.94
N SER D 26 -4.10 8.62 4.88
CA SER D 26 -3.41 9.84 5.30
C SER D 26 -2.17 9.52 6.13
N THR D 27 -2.10 8.31 6.67
CA THR D 27 -1.01 7.96 7.56
C THR D 27 -0.74 6.46 7.52
N VAL D 28 0.34 6.04 8.19
CA VAL D 28 0.75 4.63 8.14
C VAL D 28 0.04 3.86 9.27
N PRO D 29 -0.02 2.52 9.14
CA PRO D 29 -0.67 1.72 10.20
C PRO D 29 -0.09 1.99 11.58
N GLY D 30 -0.94 2.12 12.59
CA GLY D 30 -0.46 2.29 13.95
C GLY D 30 -0.30 3.74 14.38
N TYR D 31 -0.42 4.68 13.45
CA TYR D 31 -0.10 6.07 13.75
C TYR D 31 -1.30 7.00 13.68
N VAL D 32 -1.15 8.17 14.29
CA VAL D 32 -2.17 9.18 14.24
C VAL D 32 -2.12 9.92 12.93
N SER D 33 -3.07 10.82 12.75
CA SER D 33 -3.17 11.61 11.54
C SER D 33 -3.49 13.03 11.96
N MET D 34 -2.77 14.00 11.43
CA MET D 34 -2.91 15.36 11.91
C MET D 34 -4.00 16.19 11.23
N ARG D 35 -4.75 16.95 12.04
CA ARG D 35 -5.78 17.86 11.55
C ARG D 35 -5.68 19.24 12.21
N SER D 36 -5.50 20.26 11.39
CA SER D 36 -5.53 21.63 11.87
C SER D 36 -6.96 22.17 11.85
N PRO D 37 -7.51 22.57 13.02
CA PRO D 37 -8.89 23.06 13.11
C PRO D 37 -9.13 24.30 12.27
N GLY D 38 -8.08 25.09 12.07
CA GLY D 38 -8.16 26.28 11.25
C GLY D 38 -7.94 26.06 9.77
N ARG D 39 -7.15 25.04 9.42
CA ARG D 39 -6.81 24.87 8.00
C ARG D 39 -7.17 23.52 7.42
N GLY D 40 -7.71 22.62 8.22
CA GLY D 40 -8.07 21.30 7.73
C GLY D 40 -6.94 20.33 7.97
N SER D 41 -7.13 19.07 7.61
CA SER D 41 -6.11 18.06 7.87
C SER D 41 -4.94 18.18 6.89
N TRP D 42 -3.75 17.74 7.31
CA TRP D 42 -2.55 17.88 6.50
C TRP D 42 -2.69 17.18 5.17
N PHE D 43 -3.14 15.92 5.23
CA PHE D 43 -3.27 15.08 4.06
C PHE D 43 -4.19 15.71 3.04
N VAL D 44 -5.31 16.25 3.51
CA VAL D 44 -6.31 16.82 2.60
C VAL D 44 -5.80 18.10 1.94
N GLN D 45 -5.15 18.97 2.73
CA GLN D 45 -4.57 20.19 2.16
C GLN D 45 -3.61 19.81 1.04
N ALA D 46 -2.71 18.86 1.34
CA ALA D 46 -1.68 18.46 0.40
C ALA D 46 -2.30 17.83 -0.85
N LEU D 47 -3.27 16.95 -0.64
CA LEU D 47 -3.95 16.26 -1.74
C LEU D 47 -4.61 17.24 -2.68
N CYS D 48 -5.40 18.16 -2.13
CA CYS D 48 -6.12 19.13 -2.94
C CYS D 48 -5.14 20.06 -3.67
N SER D 49 -4.10 20.48 -2.96
CA SER D 49 -3.11 21.38 -3.55
C SER D 49 -2.45 20.76 -4.79
N ILE D 50 -2.05 19.50 -4.68
CA ILE D 50 -1.41 18.83 -5.80
C ILE D 50 -2.41 18.45 -6.89
N LEU D 51 -3.63 18.08 -6.50
CA LEU D 51 -4.65 17.81 -7.52
C LEU D 51 -5.03 19.05 -8.32
N GLU D 52 -5.16 20.19 -7.66
CA GLU D 52 -5.45 21.45 -8.35
C GLU D 52 -4.43 21.75 -9.44
N GLU D 53 -3.15 21.54 -9.13
CA GLU D 53 -2.10 21.85 -10.07
C GLU D 53 -1.82 20.73 -11.08
N HIS D 54 -2.01 19.46 -10.70
CA HIS D 54 -1.56 18.37 -11.56
C HIS D 54 -2.54 17.23 -11.76
N GLY D 55 -3.77 17.40 -11.30
CA GLY D 55 -4.76 16.35 -11.36
C GLY D 55 -5.06 15.86 -12.76
N LYS D 56 -4.82 16.73 -13.75
CA LYS D 56 -5.17 16.44 -15.14
C LYS D 56 -3.99 15.95 -15.98
N ASP D 57 -2.76 16.08 -15.48
CA ASP D 57 -1.61 15.71 -16.30
C ASP D 57 -0.66 14.68 -15.68
N LEU D 58 -0.82 14.35 -14.40
CA LEU D 58 0.04 13.35 -13.78
C LEU D 58 -0.71 12.06 -13.49
N GLU D 59 0.01 10.93 -13.51
CA GLU D 59 -0.58 9.64 -13.18
C GLU D 59 -0.87 9.57 -11.67
N ILE D 60 -1.83 8.74 -11.25
CA ILE D 60 -2.32 8.79 -9.87
C ILE D 60 -1.20 8.55 -8.84
N MET D 61 -0.31 7.58 -9.09
CA MET D 61 0.82 7.35 -8.18
C MET D 61 1.82 8.52 -8.14
N GLN D 62 2.03 9.20 -9.27
CA GLN D 62 2.89 10.38 -9.26
C GLN D 62 2.27 11.44 -8.35
N ILE D 63 0.96 11.55 -8.41
CA ILE D 63 0.23 12.50 -7.61
C ILE D 63 0.38 12.17 -6.13
N LEU D 64 0.12 10.92 -5.78
CA LEU D 64 0.13 10.55 -4.36
C LEU D 64 1.53 10.56 -3.77
N THR D 65 2.53 10.24 -4.60
CA THR D 65 3.92 10.35 -4.19
C THR D 65 4.27 11.80 -3.86
N ARG D 66 3.84 12.72 -4.72
CA ARG D 66 4.02 14.15 -4.42
C ARG D 66 3.27 14.55 -3.16
N VAL D 67 2.11 13.95 -2.92
CA VAL D 67 1.38 14.21 -1.69
C VAL D 67 2.17 13.70 -0.50
N ASN D 68 2.75 12.50 -0.63
CA ASN D 68 3.59 11.97 0.42
C ASN D 68 4.70 12.96 0.79
N ASP D 69 5.38 13.45 -0.24
CA ASP D 69 6.47 14.39 -0.07
C ASP D 69 6.07 15.68 0.61
N ARG D 70 4.94 16.24 0.19
CA ARG D 70 4.50 17.50 0.76
C ARG D 70 4.08 17.37 2.23
N VAL D 71 3.33 16.33 2.57
CA VAL D 71 2.96 16.10 3.96
C VAL D 71 4.21 15.86 4.81
N ALA D 72 5.16 15.12 4.26
CA ALA D 72 6.38 14.78 4.99
C ALA D 72 7.25 15.99 5.26
N ARG D 73 7.35 16.89 4.29
CA ARG D 73 8.28 18.00 4.40
C ARG D 73 7.65 19.30 4.91
N HIS D 74 6.47 19.64 4.41
CA HIS D 74 5.87 20.96 4.71
C HIS D 74 5.21 21.07 6.08
N PHE D 75 4.91 19.95 6.72
CA PHE D 75 4.15 20.02 7.97
C PHE D 75 4.90 19.54 9.20
N GLU D 76 4.64 20.21 10.32
CA GLU D 76 5.16 19.78 11.62
C GLU D 76 4.17 20.27 12.69
N SER D 77 3.85 19.43 13.66
CA SER D 77 2.76 19.77 14.59
C SER D 77 3.16 20.85 15.59
N CYS D 78 2.21 21.70 15.96
CA CYS D 78 2.35 22.61 17.09
C CYS D 78 1.27 22.36 18.12
N SER D 79 1.67 22.04 19.35
CA SER D 79 0.71 21.88 20.44
C SER D 79 1.27 22.47 21.74
N ASP D 80 0.38 22.87 22.65
CA ASP D 80 0.81 23.32 23.97
C ASP D 80 1.18 22.12 24.81
N ASP D 81 0.55 20.99 24.50
CA ASP D 81 0.95 19.70 25.04
C ASP D 81 2.24 19.25 24.35
N PRO D 82 3.33 19.15 25.14
CA PRO D 82 4.63 18.77 24.57
C PRO D 82 4.62 17.35 24.02
N HIS D 83 3.74 16.50 24.54
CA HIS D 83 3.59 15.15 24.02
C HIS D 83 3.19 15.13 22.55
N PHE D 84 2.44 16.16 22.12
CA PHE D 84 1.99 16.26 20.74
C PHE D 84 2.69 17.36 19.93
N HIS D 85 3.81 17.86 20.46
CA HIS D 85 4.48 19.00 19.84
C HIS D 85 5.57 18.54 18.85
N GLU D 86 5.69 19.26 17.73
CA GLU D 86 6.75 19.01 16.74
C GLU D 86 6.77 17.59 16.18
N LYS D 87 5.59 17.00 15.97
CA LYS D 87 5.50 15.66 15.40
C LYS D 87 5.39 15.69 13.86
N LYS D 88 5.69 14.55 13.24
CA LYS D 88 5.68 14.46 11.78
C LYS D 88 4.68 13.42 11.27
N GLN D 89 4.46 13.40 9.97
CA GLN D 89 3.50 12.46 9.39
C GLN D 89 3.89 12.05 7.97
N ILE D 90 3.73 10.76 7.66
CA ILE D 90 3.87 10.27 6.29
C ILE D 90 2.63 9.48 5.87
N PRO D 91 2.03 9.82 4.71
CA PRO D 91 0.85 9.05 4.26
C PRO D 91 1.27 7.70 3.70
N CYS D 92 0.30 6.94 3.23
CA CYS D 92 0.50 5.54 2.91
C CYS D 92 -0.43 5.09 1.78
N VAL D 93 0.14 4.81 0.62
CA VAL D 93 -0.61 4.41 -0.56
C VAL D 93 -0.61 2.91 -0.74
N VAL D 94 -1.79 2.32 -0.88
CA VAL D 94 -1.88 0.89 -1.08
C VAL D 94 -2.52 0.65 -2.44
N SER D 95 -1.76 0.11 -3.37
CA SER D 95 -2.27 -0.06 -4.71
C SER D 95 -2.42 -1.50 -5.14
N MET D 96 -3.64 -1.86 -5.51
CA MET D 96 -3.94 -3.08 -6.23
C MET D 96 -4.32 -2.72 -7.68
N LEU D 97 -3.91 -1.54 -8.14
CA LEU D 97 -4.19 -1.19 -9.53
C LEU D 97 -3.41 -2.06 -10.52
N THR D 98 -4.01 -2.28 -11.69
CA THR D 98 -3.41 -3.13 -12.72
C THR D 98 -3.04 -2.32 -13.96
N LYS D 99 -3.35 -1.03 -13.95
CA LYS D 99 -2.96 -0.10 -15.00
C LYS D 99 -2.61 1.24 -14.41
N GLU D 100 -2.04 2.10 -15.24
CA GLU D 100 -1.81 3.48 -14.88
C GLU D 100 -3.14 4.23 -14.98
N LEU D 101 -3.31 5.22 -14.12
CA LEU D 101 -4.55 5.97 -14.06
C LEU D 101 -4.31 7.46 -14.27
N TYR D 102 -4.88 7.97 -15.35
CA TYR D 102 -4.90 9.40 -15.65
C TYR D 102 -6.37 9.82 -15.65
N PHE D 103 -6.68 10.98 -15.07
CA PHE D 103 -8.08 11.46 -15.00
C PHE D 103 -8.62 12.16 -16.24
N SER D 104 -7.80 12.23 -17.28
CA SER D 104 -8.19 12.88 -18.54
C SER D 104 -8.21 12.00 -19.82
N GLN D 105 -8.72 12.61 -20.91
CA GLN D 105 -8.84 11.97 -22.23
C GLN D 105 -9.83 10.81 -22.33
C ACE E 1 0.30 -27.72 -7.44
O ACE E 1 0.28 -27.58 -8.67
CH3 ACE E 1 0.19 -29.08 -6.85
N ASP E 2 -0.21 -26.75 -6.68
CA ASP E 2 -0.05 -25.35 -7.02
C ASP E 2 0.18 -24.58 -5.74
N GLU E 3 -0.18 -25.19 -4.62
CA GLU E 3 0.32 -24.83 -3.28
C GLU E 3 0.27 -23.36 -2.81
N VAL E 4 0.01 -23.19 -1.52
CA VAL E 4 -0.09 -21.85 -0.96
C VAL E 4 1.04 -21.62 0.04
N ASA E 5 1.38 -20.31 0.31
CA ASA E 5 2.32 -19.95 1.31
C ASA E 5 1.58 -19.33 2.47
O ASA E 5 2.20 -18.94 3.43
CB ASA E 5 3.32 -18.94 0.76
CG ASA E 5 4.44 -19.62 0.00
OD1 ASA E 5 4.93 -20.72 0.39
OD2 ASA E 5 4.91 -19.09 -1.05
C ACE F 1 -3.56 22.78 17.31
O ACE F 1 -3.14 23.65 18.07
CH3 ACE F 1 -5.03 22.48 17.27
N ASP F 2 -2.72 21.98 16.65
CA ASP F 2 -3.05 20.80 15.85
C ASP F 2 -3.70 19.68 16.65
N GLU F 3 -4.59 18.93 16.03
CA GLU F 3 -5.26 17.83 16.70
C GLU F 3 -5.02 16.52 15.95
N VAL F 4 -5.38 15.40 16.55
CA VAL F 4 -5.22 14.12 15.89
C VAL F 4 -6.58 13.49 15.58
N ASA F 5 -6.63 12.64 14.54
CA ASA F 5 -7.82 11.93 14.22
C ASA F 5 -7.64 10.50 14.70
O ASA F 5 -8.50 9.65 14.50
CB ASA F 5 -8.02 11.96 12.73
CG ASA F 5 -8.82 13.19 12.33
OD1 ASA F 5 -9.65 13.69 13.13
OD2 ASA F 5 -8.67 13.71 11.19
#